data_4AWU
#
_entry.id   4AWU
#
_cell.length_a   47.820
_cell.length_b   83.670
_cell.length_c   87.820
_cell.angle_alpha   90.00
_cell.angle_beta   90.00
_cell.angle_gamma   90.00
#
_symmetry.space_group_name_H-M   'P 21 21 21'
#
loop_
_entity.id
_entity.type
_entity.pdbx_description
1 polymer 'OXIDOREDUCTASE, FMN-BINDING'
2 non-polymer 'FLAVIN MONONUCLEOTIDE'
3 non-polymer 'SULFATE ION'
4 non-polymer 4-chlorophenol
5 non-polymer 2-{2-[2-(2-{2-[2-(2-ETHOXY-ETHOXY)-ETHOXY]-ETHOXY}-ETHOXY)-ETHOXY]-ETHOXY}-ETHANOL
6 water water
#
_entity_poly.entity_id   1
_entity_poly.type   'polypeptide(L)'
_entity_poly.pdbx_seq_one_letter_code
;MTQSLFQPITLGALTLKNRIVMPPLTRSRASQPGDVANHMMAIYYAQRASAGLIVSEGTQISPTAKGYAWTPGIYTPEQI
AGWRIVTEAVHAKGCAIFAQLWHVGRVTHPDNIDGQQPISSSTLKAENVKVFVDNGSDEPGFVDVAVPRAMTKADIAQVI
ADYRQAALNAMEAGFDGIELHAANGYLINQFIDSEANNRSDEYGGSLENRLRFLDEVVAALVDAIGAERVGVRLAPLTTL
NGTVDADPILTYTAAAALLNKHRIVYLHIAEVDWDDAPDTPVSFKRALREAYQGVLIYAGRYNAEKAEQAINDGLADMIG
FGRPFIANPDLPERLRHGYPLAEHVPATLFGGGEKGLTDYPTYQA
;
_entity_poly.pdbx_strand_id   A
#
loop_
_chem_comp.id
_chem_comp.type
_chem_comp.name
_chem_comp.formula
4CH non-polymer 4-chlorophenol 'C6 H5 Cl O'
FMN non-polymer 'FLAVIN MONONUCLEOTIDE' 'C17 H21 N4 O9 P'
PE4 non-polymer 2-{2-[2-(2-{2-[2-(2-ETHOXY-ETHOXY)-ETHOXY]-ETHOXY}-ETHOXY)-ETHOXY]-ETHOXY}-ETHANOL 'C16 H34 O8'
SO4 non-polymer 'SULFATE ION' 'O4 S -2'
#
# COMPACT_ATOMS: atom_id res chain seq x y z
N THR A 2 -17.37 0.63 19.23
CA THR A 2 -16.24 1.47 18.85
C THR A 2 -15.22 1.58 19.99
N GLN A 3 -15.49 0.94 21.12
CA GLN A 3 -14.61 1.09 22.27
C GLN A 3 -13.20 0.58 21.97
N SER A 4 -13.10 -0.63 21.43
CA SER A 4 -11.80 -1.20 21.10
C SER A 4 -11.11 -0.41 20.00
N LEU A 5 -11.89 0.08 19.05
CA LEU A 5 -11.35 0.83 17.94
C LEU A 5 -10.62 2.07 18.42
N PHE A 6 -11.05 2.58 19.58
CA PHE A 6 -10.42 3.79 20.11
C PHE A 6 -9.51 3.49 21.30
N GLN A 7 -9.05 2.25 21.36
CA GLN A 7 -7.97 1.87 22.26
C GLN A 7 -6.65 2.06 21.54
N PRO A 8 -5.64 2.57 22.26
CA PRO A 8 -4.31 2.70 21.67
CA PRO A 8 -4.30 2.69 21.68
C PRO A 8 -3.71 1.33 21.36
N ILE A 9 -2.61 1.32 20.63
CA ILE A 9 -1.95 0.07 20.30
C ILE A 9 -0.49 0.36 20.05
N THR A 10 0.35 -0.55 20.51
CA THR A 10 1.77 -0.44 20.26
C THR A 10 2.11 -1.00 18.89
N LEU A 11 2.86 -0.23 18.12
CA LEU A 11 3.36 -0.68 16.82
C LEU A 11 4.86 -0.52 16.83
N GLY A 12 5.56 -1.59 17.17
CA GLY A 12 6.99 -1.54 17.33
C GLY A 12 7.37 -0.60 18.45
N ALA A 13 8.10 0.46 18.10
CA ALA A 13 8.55 1.44 19.09
C ALA A 13 7.51 2.53 19.29
N LEU A 14 6.40 2.44 18.55
CA LEU A 14 5.39 3.49 18.57
C LEU A 14 4.22 3.11 19.45
N THR A 15 3.61 4.10 20.08
CA THR A 15 2.38 3.89 20.81
C THR A 15 1.26 4.70 20.15
N LEU A 16 0.50 4.04 19.28
CA LEU A 16 -0.51 4.72 18.46
C LEU A 16 -1.76 5.08 19.27
N LYS A 17 -2.42 6.15 18.87
CA LYS A 17 -3.53 6.70 19.64
C LYS A 17 -4.78 5.85 19.54
N ASN A 18 -4.96 5.18 18.40
CA ASN A 18 -6.14 4.34 18.20
C ASN A 18 -5.88 3.26 17.16
N ARG A 19 -6.90 2.47 16.85
CA ARG A 19 -6.75 1.33 15.97
C ARG A 19 -7.15 1.65 14.54
N ILE A 20 -7.29 2.93 14.24
CA ILE A 20 -7.75 3.36 12.92
C ILE A 20 -6.57 3.66 12.02
N VAL A 21 -6.59 3.09 10.83
CA VAL A 21 -5.54 3.32 9.86
C VAL A 21 -6.10 4.07 8.67
N MET A 22 -5.36 5.06 8.21
CA MET A 22 -5.58 5.60 6.90
C MET A 22 -4.70 4.80 5.97
N PRO A 23 -5.31 3.93 5.16
CA PRO A 23 -4.53 3.04 4.30
C PRO A 23 -4.01 3.81 3.10
N PRO A 24 -3.10 3.19 2.34
CA PRO A 24 -2.52 3.86 1.17
C PRO A 24 -3.61 4.27 0.19
N LEU A 25 -3.58 5.54 -0.22
CA LEU A 25 -4.54 6.04 -1.18
C LEU A 25 -3.84 6.93 -2.21
N THR A 26 -3.53 6.34 -3.35
CA THR A 26 -2.99 7.05 -4.49
C THR A 26 -3.91 8.21 -4.86
N ARG A 27 -3.34 9.42 -4.86
CA ARG A 27 -4.09 10.61 -5.24
C ARG A 27 -3.45 11.31 -6.45
N SER A 28 -2.26 10.84 -6.83
CA SER A 28 -1.59 11.36 -8.02
C SER A 28 -1.56 12.90 -8.04
N ARG A 29 -1.08 13.49 -6.95
CA ARG A 29 -1.01 14.94 -6.84
C ARG A 29 0.45 15.40 -6.85
N ALA A 30 1.37 14.48 -7.13
CA ALA A 30 2.80 14.79 -7.03
C ALA A 30 3.20 15.89 -7.99
N SER A 31 4.04 16.80 -7.52
CA SER A 31 4.48 17.93 -8.32
C SER A 31 5.24 17.49 -9.55
N GLN A 32 5.00 18.18 -10.66
CA GLN A 32 5.68 17.90 -11.92
C GLN A 32 6.54 19.09 -12.33
N PRO A 33 7.74 18.82 -12.87
CA PRO A 33 8.27 17.47 -13.03
C PRO A 33 8.94 16.98 -11.75
N GLY A 34 9.27 15.70 -11.68
CA GLY A 34 10.03 15.18 -10.56
C GLY A 34 9.24 14.24 -9.67
N ASP A 35 7.92 14.21 -9.85
CA ASP A 35 7.04 13.38 -9.03
C ASP A 35 7.33 13.56 -7.54
N VAL A 36 7.27 14.82 -7.10
CA VAL A 36 7.68 15.17 -5.74
C VAL A 36 6.48 15.37 -4.82
N ALA A 37 6.50 14.71 -3.67
CA ALA A 37 5.52 14.97 -2.64
C ALA A 37 5.58 16.46 -2.29
N ASN A 38 4.42 17.08 -2.09
CA ASN A 38 4.36 18.53 -2.05
C ASN A 38 3.49 19.09 -0.92
N HIS A 39 3.29 20.40 -0.95
CA HIS A 39 2.61 21.08 0.15
C HIS A 39 1.18 20.62 0.35
N MET A 40 0.41 20.51 -0.73
CA MET A 40 -0.98 20.12 -0.60
C MET A 40 -1.08 18.70 -0.05
N MET A 41 -0.10 17.87 -0.38
CA MET A 41 -0.09 16.51 0.16
C MET A 41 0.21 16.53 1.66
N ALA A 42 1.14 17.40 2.07
CA ALA A 42 1.45 17.53 3.49
C ALA A 42 0.22 17.97 4.26
N ILE A 43 -0.51 18.95 3.73
CA ILE A 43 -1.73 19.43 4.35
C ILE A 43 -2.74 18.29 4.43
N TYR A 44 -2.91 17.61 3.30
CA TYR A 44 -3.86 16.51 3.16
C TYR A 44 -3.63 15.41 4.19
N TYR A 45 -2.39 14.98 4.35
CA TYR A 45 -2.08 13.94 5.32
C TYR A 45 -2.22 14.46 6.75
N ALA A 46 -1.81 15.69 6.99
CA ALA A 46 -1.89 16.27 8.32
C ALA A 46 -3.34 16.44 8.76
N GLN A 47 -4.22 16.73 7.81
CA GLN A 47 -5.65 16.83 8.07
C GLN A 47 -6.22 15.53 8.61
N ARG A 48 -5.56 14.43 8.28
CA ARG A 48 -6.07 13.10 8.58
C ARG A 48 -5.26 12.43 9.67
N ALA A 49 -4.49 13.23 10.38
CA ALA A 49 -3.52 12.70 11.34
C ALA A 49 -4.15 12.32 12.68
N SER A 50 -5.48 12.32 12.75
CA SER A 50 -6.15 11.78 13.93
C SER A 50 -6.25 10.26 13.78
N ALA A 51 -5.90 9.75 12.61
CA ALA A 51 -5.73 8.31 12.43
C ALA A 51 -4.66 7.84 13.39
N GLY A 52 -4.73 6.58 13.82
CA GLY A 52 -3.70 6.01 14.65
C GLY A 52 -2.42 5.81 13.84
N LEU A 53 -2.62 5.43 12.58
CA LEU A 53 -1.52 5.23 11.67
C LEU A 53 -1.94 5.68 10.29
N ILE A 54 -1.05 6.39 9.62
CA ILE A 54 -1.24 6.72 8.23
C ILE A 54 -0.24 5.91 7.43
N VAL A 55 -0.70 5.30 6.36
CA VAL A 55 0.18 4.68 5.39
C VAL A 55 0.07 5.51 4.14
N SER A 56 1.20 5.98 3.63
CA SER A 56 1.18 6.84 2.46
C SER A 56 0.65 6.09 1.26
N GLU A 57 0.12 6.83 0.29
CA GLU A 57 -0.10 6.31 -1.04
C GLU A 57 1.15 5.60 -1.53
N GLY A 58 0.97 4.64 -2.44
CA GLY A 58 2.11 3.98 -3.05
C GLY A 58 3.11 5.01 -3.55
N THR A 59 4.39 4.80 -3.24
CA THR A 59 5.43 5.70 -3.71
C THR A 59 6.53 4.88 -4.37
N GLN A 60 6.77 5.15 -5.65
CA GLN A 60 7.65 4.30 -6.46
C GLN A 60 9.10 4.36 -5.99
N ILE A 61 9.76 3.21 -5.99
CA ILE A 61 11.10 3.10 -5.43
C ILE A 61 12.18 3.41 -6.46
N SER A 62 11.78 3.55 -7.71
CA SER A 62 12.72 3.84 -8.79
C SER A 62 11.95 4.36 -10.00
N PRO A 63 12.67 4.88 -11.00
CA PRO A 63 12.01 5.34 -12.22
C PRO A 63 11.19 4.25 -12.92
N THR A 64 11.65 3.00 -12.85
CA THR A 64 10.97 1.92 -13.56
C THR A 64 9.94 1.20 -12.68
N ALA A 65 9.72 1.73 -11.48
CA ALA A 65 8.77 1.14 -10.53
C ALA A 65 7.42 1.85 -10.61
N LYS A 66 7.38 2.95 -11.35
CA LYS A 66 6.18 3.79 -11.45
C LYS A 66 5.17 3.23 -12.43
N GLY A 67 3.89 3.30 -12.08
CA GLY A 67 2.83 2.81 -12.93
C GLY A 67 1.89 3.88 -13.46
N TYR A 68 1.77 4.99 -12.73
CA TYR A 68 0.74 5.97 -13.04
C TYR A 68 1.28 7.39 -12.98
N ALA A 69 0.77 8.25 -13.85
CA ALA A 69 1.21 9.64 -13.89
C ALA A 69 1.01 10.30 -12.54
N TRP A 70 2.02 11.08 -12.14
CA TRP A 70 1.90 12.00 -11.02
C TRP A 70 1.89 11.34 -9.64
N THR A 71 2.28 10.07 -9.55
CA THR A 71 2.44 9.46 -8.25
C THR A 71 3.80 9.86 -7.70
N PRO A 72 3.89 10.08 -6.37
CA PRO A 72 5.14 10.56 -5.78
C PRO A 72 6.20 9.47 -5.71
N GLY A 73 7.44 9.83 -5.99
CA GLY A 73 8.54 8.90 -5.86
C GLY A 73 9.21 9.01 -4.51
N ILE A 74 10.14 8.12 -4.23
CA ILE A 74 10.88 8.17 -2.98
C ILE A 74 12.35 7.79 -3.19
N TYR A 75 12.89 8.19 -4.34
CA TYR A 75 14.28 7.85 -4.65
C TYR A 75 15.20 9.04 -4.94
N THR A 76 14.64 10.19 -5.31
CA THR A 76 15.47 11.38 -5.52
C THR A 76 15.56 12.22 -4.24
N PRO A 77 16.61 13.03 -4.12
CA PRO A 77 16.76 13.89 -2.94
C PRO A 77 15.55 14.82 -2.80
N GLU A 78 15.05 15.30 -3.93
CA GLU A 78 13.91 16.21 -3.92
C GLU A 78 12.66 15.48 -3.41
N GLN A 79 12.50 14.24 -3.85
CA GLN A 79 11.36 13.42 -3.42
C GLN A 79 11.42 13.13 -1.93
N ILE A 80 12.63 12.86 -1.44
CA ILE A 80 12.82 12.58 -0.03
C ILE A 80 12.47 13.82 0.78
N ALA A 81 12.94 14.98 0.32
CA ALA A 81 12.66 16.24 1.01
C ALA A 81 11.18 16.55 1.02
N GLY A 82 10.52 16.32 -0.11
CA GLY A 82 9.08 16.51 -0.20
C GLY A 82 8.32 15.65 0.79
N TRP A 83 8.73 14.39 0.90
CA TRP A 83 8.10 13.49 1.86
C TRP A 83 8.39 13.93 3.28
N ARG A 84 9.58 14.49 3.52
CA ARG A 84 9.95 14.95 4.85
C ARG A 84 8.99 16.01 5.36
N ILE A 85 8.60 16.93 4.49
CA ILE A 85 7.66 17.96 4.90
C ILE A 85 6.30 17.33 5.23
N VAL A 86 5.94 16.30 4.49
CA VAL A 86 4.71 15.56 4.78
C VAL A 86 4.80 14.90 6.16
N THR A 87 5.88 14.17 6.42
CA THR A 87 5.98 13.45 7.69
C THR A 87 6.08 14.40 8.88
N GLU A 88 6.74 15.54 8.69
CA GLU A 88 6.82 16.53 9.75
C GLU A 88 5.44 17.12 10.03
N ALA A 89 4.70 17.40 8.97
CA ALA A 89 3.35 17.94 9.10
C ALA A 89 2.49 16.98 9.89
N VAL A 90 2.59 15.70 9.56
CA VAL A 90 1.83 14.65 10.23
C VAL A 90 2.30 14.48 11.67
N HIS A 91 3.61 14.49 11.86
CA HIS A 91 4.17 14.28 13.20
C HIS A 91 3.85 15.46 14.11
N ALA A 92 3.71 16.64 13.54
CA ALA A 92 3.28 17.80 14.30
C ALA A 92 1.93 17.56 14.97
N LYS A 93 1.11 16.71 14.35
CA LYS A 93 -0.24 16.43 14.83
C LYS A 93 -0.26 15.28 15.83
N GLY A 94 0.83 14.54 15.93
CA GLY A 94 0.88 13.39 16.80
C GLY A 94 0.24 12.21 16.10
N CYS A 95 0.99 11.61 15.19
CA CYS A 95 0.49 10.52 14.38
C CYS A 95 1.69 9.77 13.83
N ALA A 96 1.52 8.50 13.51
CA ALA A 96 2.59 7.72 12.92
C ALA A 96 2.33 7.62 11.43
N ILE A 97 3.38 7.59 10.63
CA ILE A 97 3.21 7.45 9.19
C ILE A 97 4.26 6.54 8.57
N PHE A 98 3.78 5.56 7.81
CA PHE A 98 4.64 4.64 7.08
C PHE A 98 4.57 4.97 5.59
N ALA A 99 5.66 4.75 4.88
CA ALA A 99 5.68 4.95 3.43
C ALA A 99 5.41 3.63 2.73
N GLN A 100 4.43 3.61 1.83
CA GLN A 100 4.18 2.39 1.07
C GLN A 100 5.10 2.32 -0.13
N LEU A 101 6.10 1.45 -0.05
CA LEU A 101 7.08 1.29 -1.12
C LEU A 101 6.48 0.50 -2.27
N TRP A 102 6.51 1.11 -3.45
CA TRP A 102 5.77 0.61 -4.59
C TRP A 102 6.66 0.22 -5.74
N HIS A 103 6.45 -0.98 -6.28
CA HIS A 103 6.94 -1.32 -7.59
C HIS A 103 5.80 -2.02 -8.34
N VAL A 104 5.37 -1.41 -9.43
CA VAL A 104 4.17 -1.85 -10.13
C VAL A 104 4.41 -3.03 -11.06
N GLY A 105 5.67 -3.22 -11.44
CA GLY A 105 6.03 -4.38 -12.23
C GLY A 105 5.42 -4.20 -13.58
N ARG A 106 4.65 -5.19 -14.03
CA ARG A 106 4.08 -5.17 -15.36
C ARG A 106 2.92 -4.21 -15.50
N VAL A 107 2.44 -3.66 -14.39
CA VAL A 107 1.30 -2.75 -14.44
C VAL A 107 1.76 -1.33 -14.70
N THR A 108 2.23 -1.09 -15.92
CA THR A 108 2.71 0.24 -16.31
C THR A 108 2.86 0.33 -17.82
N HIS A 109 3.39 1.45 -18.28
CA HIS A 109 3.54 1.74 -19.69
C HIS A 109 4.91 2.42 -19.86
N PRO A 110 5.62 2.13 -20.95
CA PRO A 110 6.98 2.67 -21.11
C PRO A 110 7.05 4.19 -20.89
N ASP A 111 6.02 4.90 -21.30
CA ASP A 111 5.95 6.35 -21.10
C ASP A 111 6.05 6.75 -19.64
N ASN A 112 5.62 5.87 -18.72
CA ASN A 112 5.73 6.16 -17.31
C ASN A 112 7.07 5.74 -16.71
N ILE A 113 7.84 4.94 -17.45
CA ILE A 113 9.10 4.43 -16.93
C ILE A 113 10.27 4.69 -17.88
N ASP A 114 10.36 5.93 -18.36
CA ASP A 114 11.53 6.38 -19.12
C ASP A 114 11.74 5.58 -20.41
N GLY A 115 10.65 5.15 -21.03
CA GLY A 115 10.72 4.43 -22.28
C GLY A 115 11.16 2.98 -22.13
N GLN A 116 11.36 2.55 -20.89
CA GLN A 116 11.80 1.19 -20.62
C GLN A 116 10.65 0.20 -20.74
N GLN A 117 10.98 -1.08 -20.87
CA GLN A 117 9.97 -2.12 -20.88
C GLN A 117 9.65 -2.49 -19.44
N PRO A 118 8.37 -2.71 -19.14
CA PRO A 118 8.02 -3.10 -17.77
C PRO A 118 8.67 -4.43 -17.39
N ILE A 119 8.93 -4.64 -16.11
CA ILE A 119 9.47 -5.91 -15.64
C ILE A 119 8.45 -6.66 -14.80
N SER A 120 8.63 -7.96 -14.71
CA SER A 120 7.68 -8.83 -14.02
C SER A 120 8.35 -10.18 -13.78
N SER A 121 7.69 -11.04 -13.02
CA SER A 121 8.17 -12.41 -12.85
C SER A 121 8.31 -13.07 -14.21
N SER A 122 7.37 -12.76 -15.10
CA SER A 122 7.23 -13.46 -16.37
C SER A 122 6.96 -12.48 -17.50
N THR A 123 6.79 -13.01 -18.70
CA THR A 123 6.47 -12.18 -19.87
C THR A 123 4.97 -12.20 -20.13
N LEU A 124 4.19 -12.21 -19.05
CA LEU A 124 2.74 -12.19 -19.16
C LEU A 124 2.23 -10.77 -18.97
N LYS A 125 1.42 -10.30 -19.91
CA LYS A 125 0.79 -9.00 -19.79
C LYS A 125 -0.43 -9.10 -18.88
N ALA A 126 -0.66 -8.06 -18.09
CA ALA A 126 -1.88 -7.96 -17.32
C ALA A 126 -3.01 -7.67 -18.30
N GLU A 127 -3.86 -8.66 -18.55
CA GLU A 127 -4.89 -8.54 -19.58
C GLU A 127 -5.96 -7.53 -19.19
N ASN A 128 -6.32 -6.67 -20.14
CA ASN A 128 -7.39 -5.71 -19.96
C ASN A 128 -7.09 -4.65 -18.90
N VAL A 129 -5.82 -4.53 -18.53
CA VAL A 129 -5.43 -3.59 -17.50
C VAL A 129 -4.87 -2.32 -18.11
N LYS A 130 -5.28 -1.18 -17.57
CA LYS A 130 -4.84 0.11 -18.07
C LYS A 130 -4.16 0.92 -16.98
N VAL A 131 -3.19 1.73 -17.37
CA VAL A 131 -2.61 2.72 -16.47
C VAL A 131 -2.83 4.10 -17.07
N PHE A 132 -2.55 5.13 -16.29
CA PHE A 132 -2.76 6.50 -16.75
C PHE A 132 -1.43 7.11 -17.15
N VAL A 133 -1.39 7.76 -18.31
CA VAL A 133 -0.15 8.35 -18.81
C VAL A 133 -0.32 9.83 -19.15
N ASP A 134 0.69 10.61 -18.79
CA ASP A 134 0.80 12.00 -19.18
C ASP A 134 2.21 12.23 -19.71
N ASN A 135 2.44 11.85 -20.97
CA ASN A 135 3.78 11.85 -21.54
C ASN A 135 4.24 13.21 -22.05
N GLY A 136 3.35 14.20 -21.99
CA GLY A 136 3.69 15.55 -22.39
C GLY A 136 3.30 15.88 -23.82
N SER A 137 3.16 14.85 -24.65
CA SER A 137 2.82 15.02 -26.05
C SER A 137 1.34 14.73 -26.29
N ASP A 138 0.94 13.48 -26.09
CA ASP A 138 -0.46 13.09 -26.24
C ASP A 138 -1.27 13.61 -25.05
N GLU A 139 -2.58 13.74 -25.25
CA GLU A 139 -3.45 14.16 -24.16
C GLU A 139 -3.41 13.11 -23.06
N PRO A 140 -3.21 13.53 -21.80
CA PRO A 140 -3.15 12.55 -20.72
C PRO A 140 -4.40 11.67 -20.70
N GLY A 141 -4.22 10.39 -20.43
CA GLY A 141 -5.34 9.47 -20.36
C GLY A 141 -4.91 8.05 -20.07
N PHE A 142 -5.86 7.14 -20.04
CA PHE A 142 -5.59 5.74 -19.77
C PHE A 142 -5.14 5.02 -21.02
N VAL A 143 -4.10 4.20 -20.86
CA VAL A 143 -3.58 3.40 -21.96
C VAL A 143 -3.37 1.98 -21.47
N ASP A 144 -3.36 1.03 -22.39
CA ASP A 144 -3.15 -0.36 -22.03
C ASP A 144 -1.72 -0.55 -21.57
N VAL A 145 -1.53 -1.40 -20.57
CA VAL A 145 -0.20 -1.72 -20.09
C VAL A 145 0.58 -2.44 -21.18
N ALA A 146 1.90 -2.34 -21.12
CA ALA A 146 2.75 -2.99 -22.10
C ALA A 146 3.06 -4.42 -21.64
N VAL A 147 3.62 -5.21 -22.54
CA VAL A 147 4.04 -6.56 -22.18
C VAL A 147 5.35 -6.46 -21.44
N PRO A 148 5.44 -7.13 -20.27
CA PRO A 148 6.67 -7.06 -19.49
C PRO A 148 7.72 -8.05 -19.96
N ARG A 149 8.96 -7.85 -19.55
CA ARG A 149 10.00 -8.85 -19.73
C ARG A 149 10.23 -9.51 -18.38
N ALA A 150 10.63 -10.78 -18.41
CA ALA A 150 10.85 -11.52 -17.18
C ALA A 150 12.15 -11.07 -16.52
N MET A 151 12.09 -10.83 -15.22
CA MET A 151 13.25 -10.38 -14.47
C MET A 151 14.36 -11.44 -14.46
N THR A 152 15.58 -10.99 -14.68
CA THR A 152 16.74 -11.85 -14.56
C THR A 152 17.16 -11.85 -13.10
N LYS A 153 18.12 -12.69 -12.75
CA LYS A 153 18.65 -12.73 -11.39
C LYS A 153 19.24 -11.36 -11.04
N ALA A 154 19.78 -10.68 -12.04
CA ALA A 154 20.37 -9.35 -11.84
C ALA A 154 19.28 -8.32 -11.61
N ASP A 155 18.19 -8.41 -12.36
CA ASP A 155 17.05 -7.54 -12.14
C ASP A 155 16.53 -7.70 -10.72
N ILE A 156 16.46 -8.95 -10.26
CA ILE A 156 15.96 -9.23 -8.93
C ILE A 156 16.85 -8.59 -7.89
N ALA A 157 18.17 -8.74 -8.06
CA ALA A 157 19.11 -8.13 -7.13
C ALA A 157 18.97 -6.61 -7.14
N GLN A 158 18.75 -6.03 -8.33
CA GLN A 158 18.66 -4.58 -8.46
C GLN A 158 17.41 -4.06 -7.78
N VAL A 159 16.27 -4.70 -8.03
CA VAL A 159 15.01 -4.27 -7.43
C VAL A 159 15.04 -4.41 -5.92
N ILE A 160 15.59 -5.52 -5.44
CA ILE A 160 15.78 -5.69 -4.01
C ILE A 160 16.64 -4.55 -3.47
N ALA A 161 17.66 -4.17 -4.22
CA ALA A 161 18.52 -3.05 -3.84
C ALA A 161 17.71 -1.76 -3.78
N ASP A 162 16.87 -1.54 -4.78
CA ASP A 162 16.03 -0.36 -4.85
C ASP A 162 15.04 -0.31 -3.70
N TYR A 163 14.47 -1.45 -3.35
CA TYR A 163 13.58 -1.52 -2.20
C TYR A 163 14.33 -1.17 -0.93
N ARG A 164 15.54 -1.73 -0.79
CA ARG A 164 16.33 -1.51 0.40
C ARG A 164 16.68 -0.03 0.56
N GLN A 165 17.08 0.58 -0.55
CA GLN A 165 17.47 1.98 -0.54
C GLN A 165 16.26 2.86 -0.30
N ALA A 166 15.13 2.48 -0.90
CA ALA A 166 13.88 3.20 -0.71
C ALA A 166 13.49 3.24 0.76
N ALA A 167 13.76 2.14 1.46
CA ALA A 167 13.50 2.06 2.88
C ALA A 167 14.39 3.04 3.66
N LEU A 168 15.65 3.12 3.28
CA LEU A 168 16.54 4.07 3.93
C LEU A 168 16.08 5.48 3.61
N ASN A 169 15.66 5.69 2.37
CA ASN A 169 15.16 6.99 1.96
C ASN A 169 13.92 7.38 2.76
N ALA A 170 13.05 6.41 3.03
CA ALA A 170 11.87 6.67 3.83
C ALA A 170 12.27 7.15 5.22
N MET A 171 13.29 6.52 5.82
CA MET A 171 13.72 6.92 7.15
C MET A 171 14.34 8.32 7.09
N GLU A 172 15.05 8.60 6.01
CA GLU A 172 15.66 9.91 5.81
CA GLU A 172 15.65 9.91 5.83
C GLU A 172 14.58 10.97 5.63
N ALA A 173 13.43 10.55 5.09
CA ALA A 173 12.28 11.44 4.91
C ALA A 173 11.45 11.52 6.17
N GLY A 174 11.88 10.82 7.22
CA GLY A 174 11.25 10.93 8.52
C GLY A 174 10.02 10.07 8.73
N PHE A 175 9.79 9.12 7.82
CA PHE A 175 8.73 8.14 8.03
C PHE A 175 9.09 7.27 9.24
N ASP A 176 8.08 6.76 9.92
CA ASP A 176 8.30 5.88 11.07
C ASP A 176 8.55 4.44 10.64
N GLY A 177 8.26 4.16 9.38
CA GLY A 177 8.40 2.81 8.86
C GLY A 177 8.00 2.79 7.41
N ILE A 178 8.00 1.58 6.84
CA ILE A 178 7.61 1.41 5.46
C ILE A 178 6.63 0.26 5.35
N GLU A 179 5.77 0.34 4.35
CA GLU A 179 4.88 -0.77 4.03
C GLU A 179 5.25 -1.28 2.65
N LEU A 180 5.58 -2.55 2.56
CA LEU A 180 5.87 -3.16 1.29
C LEU A 180 4.56 -3.42 0.56
N HIS A 181 4.40 -2.80 -0.60
CA HIS A 181 3.21 -3.04 -1.40
C HIS A 181 3.38 -4.35 -2.15
N ALA A 182 2.81 -5.41 -1.61
CA ALA A 182 2.90 -6.73 -2.23
C ALA A 182 1.52 -7.19 -2.66
N ALA A 183 0.67 -6.23 -3.03
CA ALA A 183 -0.74 -6.49 -3.27
C ALA A 183 -1.19 -5.94 -4.61
N ASN A 184 -2.48 -6.12 -4.88
CA ASN A 184 -3.14 -5.54 -6.04
C ASN A 184 -2.38 -5.71 -7.35
N GLY A 185 -1.82 -6.89 -7.53
CA GLY A 185 -1.28 -7.31 -8.82
C GLY A 185 -0.03 -6.58 -9.25
N TYR A 186 0.67 -5.97 -8.30
CA TYR A 186 1.91 -5.27 -8.62
C TYR A 186 3.11 -6.22 -8.51
N LEU A 187 4.32 -5.69 -8.59
CA LEU A 187 5.48 -6.54 -8.89
C LEU A 187 5.55 -7.81 -8.03
N ILE A 188 5.54 -7.65 -6.72
CA ILE A 188 5.71 -8.80 -5.84
C ILE A 188 4.53 -9.75 -5.98
N ASN A 189 3.34 -9.18 -6.18
CA ASN A 189 2.12 -9.95 -6.39
C ASN A 189 2.23 -10.80 -7.66
N GLN A 190 3.01 -10.32 -8.62
CA GLN A 190 3.19 -11.02 -9.89
C GLN A 190 4.08 -12.26 -9.72
N PHE A 191 4.83 -12.31 -8.63
CA PHE A 191 5.60 -13.50 -8.29
C PHE A 191 4.75 -14.44 -7.43
N ILE A 192 4.04 -13.87 -6.46
CA ILE A 192 3.24 -14.66 -5.52
C ILE A 192 2.13 -15.46 -6.17
N ASP A 193 1.32 -14.81 -7.00
CA ASP A 193 0.13 -15.45 -7.57
C ASP A 193 0.51 -16.35 -8.73
N SER A 194 0.08 -17.61 -8.64
CA SER A 194 0.55 -18.66 -9.54
C SER A 194 0.31 -18.38 -11.03
N GLU A 195 -0.85 -17.82 -11.36
CA GLU A 195 -1.19 -17.61 -12.77
C GLU A 195 -0.45 -16.43 -13.39
N ALA A 196 0.23 -15.64 -12.56
CA ALA A 196 1.02 -14.52 -13.07
C ALA A 196 2.51 -14.88 -13.11
N ASN A 197 2.84 -16.07 -12.61
CA ASN A 197 4.22 -16.49 -12.51
C ASN A 197 4.45 -17.80 -13.25
N ASN A 198 5.11 -17.73 -14.40
CA ASN A 198 5.44 -18.91 -15.19
CA ASN A 198 5.44 -18.92 -15.16
C ASN A 198 6.95 -19.18 -15.17
N ARG A 199 7.64 -18.67 -14.17
CA ARG A 199 9.08 -18.87 -14.07
C ARG A 199 9.42 -20.34 -13.81
N SER A 200 10.59 -20.77 -14.29
CA SER A 200 11.04 -22.14 -14.10
C SER A 200 12.24 -22.20 -13.16
N ASP A 201 12.75 -21.03 -12.76
CA ASP A 201 13.87 -21.00 -11.81
C ASP A 201 13.33 -21.02 -10.39
N GLU A 202 14.18 -20.67 -9.43
CA GLU A 202 13.82 -20.77 -8.02
C GLU A 202 12.79 -19.73 -7.56
N TYR A 203 12.30 -18.90 -8.48
CA TYR A 203 11.35 -17.85 -8.13
C TYR A 203 9.95 -18.14 -8.67
N GLY A 204 9.76 -19.34 -9.23
CA GLY A 204 8.46 -19.72 -9.74
C GLY A 204 8.16 -21.20 -9.50
N GLY A 205 6.92 -21.60 -9.79
CA GLY A 205 6.51 -22.98 -9.61
C GLY A 205 5.93 -23.25 -8.24
N SER A 206 6.76 -23.83 -7.37
CA SER A 206 6.32 -24.18 -6.03
C SER A 206 5.88 -22.96 -5.25
N LEU A 207 5.09 -23.18 -4.20
CA LEU A 207 4.65 -22.09 -3.33
C LEU A 207 5.85 -21.40 -2.71
N GLU A 208 6.81 -22.20 -2.26
CA GLU A 208 8.02 -21.68 -1.64
C GLU A 208 8.77 -20.77 -2.62
N ASN A 209 8.84 -21.19 -3.88
CA ASN A 209 9.53 -20.42 -4.91
C ASN A 209 8.79 -19.12 -5.23
N ARG A 210 7.47 -19.20 -5.32
CA ARG A 210 6.65 -18.03 -5.62
C ARG A 210 6.75 -16.97 -4.53
N LEU A 211 7.09 -17.41 -3.32
CA LEU A 211 7.21 -16.49 -2.19
C LEU A 211 8.65 -16.02 -1.99
N ARG A 212 9.58 -16.55 -2.78
CA ARG A 212 10.99 -16.27 -2.57
C ARG A 212 11.32 -14.79 -2.72
N PHE A 213 10.74 -14.15 -3.74
CA PHE A 213 11.03 -12.75 -3.99
C PHE A 213 10.52 -11.90 -2.81
N LEU A 214 9.33 -12.21 -2.34
CA LEU A 214 8.78 -11.57 -1.15
C LEU A 214 9.75 -11.77 0.02
N ASP A 215 10.17 -13.01 0.22
CA ASP A 215 11.11 -13.33 1.29
C ASP A 215 12.36 -12.45 1.24
N GLU A 216 12.97 -12.36 0.06
CA GLU A 216 14.25 -11.68 -0.09
C GLU A 216 14.12 -10.15 -0.03
N VAL A 217 13.01 -9.63 -0.55
CA VAL A 217 12.77 -8.20 -0.46
C VAL A 217 12.59 -7.81 1.01
N VAL A 218 11.79 -8.59 1.74
CA VAL A 218 11.53 -8.30 3.14
C VAL A 218 12.81 -8.42 3.96
N ALA A 219 13.61 -9.43 3.66
CA ALA A 219 14.88 -9.62 4.36
C ALA A 219 15.69 -8.34 4.26
N ALA A 220 15.75 -7.80 3.05
CA ALA A 220 16.52 -6.59 2.78
C ALA A 220 15.95 -5.39 3.54
N LEU A 221 14.63 -5.23 3.48
CA LEU A 221 13.97 -4.13 4.15
C LEU A 221 14.26 -4.18 5.65
N VAL A 222 14.09 -5.37 6.23
CA VAL A 222 14.33 -5.56 7.65
C VAL A 222 15.79 -5.29 8.00
N ASP A 223 16.70 -5.78 7.18
CA ASP A 223 18.13 -5.55 7.40
C ASP A 223 18.42 -4.06 7.40
N ALA A 224 17.78 -3.34 6.49
CA ALA A 224 18.00 -1.90 6.32
C ALA A 224 17.52 -1.07 7.51
N ILE A 225 16.27 -1.26 7.93
CA ILE A 225 15.66 -0.34 8.89
C ILE A 225 15.04 -1.01 10.12
N GLY A 226 15.12 -2.32 10.21
CA GLY A 226 14.61 -3.03 11.38
C GLY A 226 13.19 -3.53 11.16
N ALA A 227 12.93 -4.74 11.66
CA ALA A 227 11.64 -5.39 11.44
C ALA A 227 10.53 -4.59 12.07
N GLU A 228 10.85 -3.85 13.13
CA GLU A 228 9.86 -3.08 13.86
C GLU A 228 9.38 -1.86 13.05
N ARG A 229 10.01 -1.63 11.91
CA ARG A 229 9.64 -0.51 11.04
C ARG A 229 9.24 -0.98 9.64
N VAL A 230 8.98 -2.28 9.51
CA VAL A 230 8.58 -2.85 8.23
C VAL A 230 7.22 -3.52 8.33
N GLY A 231 6.29 -3.05 7.50
CA GLY A 231 5.01 -3.70 7.34
C GLY A 231 4.89 -4.21 5.92
N VAL A 232 3.92 -5.09 5.68
CA VAL A 232 3.70 -5.60 4.33
C VAL A 232 2.22 -5.65 4.06
N ARG A 233 1.83 -5.31 2.84
CA ARG A 233 0.43 -5.39 2.46
C ARG A 233 0.21 -6.48 1.42
N LEU A 234 -0.78 -7.32 1.69
CA LEU A 234 -1.17 -8.40 0.78
C LEU A 234 -2.64 -8.24 0.44
N ALA A 235 -3.03 -8.74 -0.73
CA ALA A 235 -4.42 -8.78 -1.13
C ALA A 235 -4.73 -10.19 -1.61
N PRO A 236 -5.02 -11.09 -0.68
CA PRO A 236 -5.12 -12.51 -1.01
C PRO A 236 -6.21 -12.86 -2.03
N LEU A 237 -7.36 -12.20 -1.97
CA LEU A 237 -8.53 -12.64 -2.72
C LEU A 237 -9.01 -11.67 -3.81
N THR A 238 -8.75 -10.39 -3.66
CA THR A 238 -9.09 -9.46 -4.74
C THR A 238 -8.10 -9.72 -5.86
N THR A 239 -8.45 -9.27 -7.06
CA THR A 239 -7.62 -9.50 -8.23
C THR A 239 -7.44 -8.22 -9.03
N LEU A 240 -7.22 -7.12 -8.31
CA LEU A 240 -7.01 -5.84 -8.97
C LEU A 240 -5.75 -5.93 -9.83
N ASN A 241 -5.89 -5.53 -11.10
CA ASN A 241 -4.80 -5.56 -12.07
C ASN A 241 -4.44 -6.97 -12.53
N GLY A 242 -5.27 -7.94 -12.18
CA GLY A 242 -5.29 -9.22 -12.87
C GLY A 242 -4.23 -10.25 -12.55
N THR A 243 -3.80 -10.33 -11.30
CA THR A 243 -3.01 -11.49 -10.87
C THR A 243 -3.92 -12.45 -10.12
N VAL A 244 -3.87 -13.71 -10.51
CA VAL A 244 -4.72 -14.73 -9.92
C VAL A 244 -3.86 -15.86 -9.39
N ASP A 245 -4.20 -16.35 -8.21
CA ASP A 245 -3.56 -17.53 -7.65
C ASP A 245 -4.53 -18.70 -7.69
N ALA A 246 -3.98 -19.91 -7.80
CA ALA A 246 -4.80 -21.11 -7.90
C ALA A 246 -5.38 -21.49 -6.54
N ASP A 247 -4.64 -21.17 -5.49
CA ASP A 247 -5.00 -21.56 -4.13
C ASP A 247 -4.67 -20.41 -3.18
N PRO A 248 -5.36 -19.27 -3.34
CA PRO A 248 -4.97 -18.07 -2.60
C PRO A 248 -5.00 -18.25 -1.08
N ILE A 249 -6.00 -18.97 -0.57
CA ILE A 249 -6.09 -19.17 0.87
C ILE A 249 -4.82 -19.83 1.40
N LEU A 250 -4.32 -20.82 0.68
CA LEU A 250 -3.10 -21.50 1.08
C LEU A 250 -1.85 -20.64 0.84
N THR A 251 -1.78 -20.03 -0.34
CA THR A 251 -0.63 -19.20 -0.70
C THR A 251 -0.41 -18.10 0.33
N TYR A 252 -1.50 -17.46 0.72
CA TYR A 252 -1.40 -16.27 1.57
C TYR A 252 -1.30 -16.58 3.06
N THR A 253 -1.85 -17.72 3.47
CA THR A 253 -1.60 -18.17 4.83
C THR A 253 -0.11 -18.51 4.97
N ALA A 254 0.46 -19.16 3.95
CA ALA A 254 1.90 -19.43 3.93
C ALA A 254 2.69 -18.13 3.95
N ALA A 255 2.27 -17.18 3.11
CA ALA A 255 2.95 -15.89 3.04
C ALA A 255 2.91 -15.21 4.40
N ALA A 256 1.79 -15.32 5.10
CA ALA A 256 1.67 -14.73 6.42
C ALA A 256 2.67 -15.38 7.38
N ALA A 257 2.81 -16.70 7.27
CA ALA A 257 3.74 -17.43 8.12
C ALA A 257 5.18 -17.03 7.79
N LEU A 258 5.47 -16.87 6.51
CA LEU A 258 6.79 -16.44 6.06
C LEU A 258 7.11 -15.06 6.62
N LEU A 259 6.15 -14.15 6.51
CA LEU A 259 6.36 -12.79 7.00
C LEU A 259 6.49 -12.77 8.51
N ASN A 260 5.81 -13.72 9.16
CA ASN A 260 5.92 -13.84 10.61
C ASN A 260 7.35 -14.18 11.05
N LYS A 261 8.03 -14.99 10.24
CA LYS A 261 9.41 -15.36 10.54
C LYS A 261 10.31 -14.12 10.52
N HIS A 262 10.01 -13.16 9.66
CA HIS A 262 10.75 -11.91 9.59
C HIS A 262 10.38 -10.96 10.72
N ARG A 263 9.31 -11.29 11.45
CA ARG A 263 8.87 -10.48 12.57
CA ARG A 263 8.84 -10.47 12.56
C ARG A 263 8.49 -9.06 12.11
N ILE A 264 7.99 -8.95 10.88
CA ILE A 264 7.55 -7.64 10.39
C ILE A 264 6.52 -7.10 11.39
N VAL A 265 6.52 -5.79 11.56
CA VAL A 265 5.77 -5.17 12.65
C VAL A 265 4.27 -5.26 12.42
N TYR A 266 3.83 -5.18 11.16
CA TYR A 266 2.44 -5.44 10.86
C TYR A 266 2.23 -6.10 9.50
N LEU A 267 1.12 -6.81 9.42
CA LEU A 267 0.65 -7.36 8.15
C LEU A 267 -0.68 -6.70 7.85
N HIS A 268 -0.79 -6.17 6.64
CA HIS A 268 -1.93 -5.38 6.23
C HIS A 268 -2.65 -6.13 5.11
N ILE A 269 -3.90 -6.50 5.36
CA ILE A 269 -4.67 -7.26 4.40
C ILE A 269 -5.72 -6.39 3.73
N ALA A 270 -5.59 -6.25 2.41
CA ALA A 270 -6.56 -5.52 1.61
C ALA A 270 -7.65 -6.47 1.19
N GLU A 271 -8.86 -6.23 1.68
CA GLU A 271 -9.97 -7.15 1.52
C GLU A 271 -10.88 -6.79 0.36
N VAL A 272 -10.89 -5.50 0.03
CA VAL A 272 -11.78 -5.02 -1.02
C VAL A 272 -11.06 -4.02 -1.90
N ASP A 273 -11.32 -4.10 -3.19
CA ASP A 273 -10.81 -3.11 -4.12
C ASP A 273 -11.93 -2.62 -5.02
N TRP A 274 -12.39 -1.40 -4.73
CA TRP A 274 -13.52 -0.83 -5.43
C TRP A 274 -14.73 -1.75 -5.23
N ASP A 275 -15.25 -2.35 -6.29
CA ASP A 275 -16.39 -3.26 -6.17
C ASP A 275 -15.95 -4.73 -6.19
N ASP A 276 -14.65 -4.95 -6.13
CA ASP A 276 -14.10 -6.29 -6.02
C ASP A 276 -14.06 -6.66 -4.55
N ALA A 277 -15.17 -7.23 -4.06
CA ALA A 277 -15.30 -7.53 -2.63
C ALA A 277 -15.62 -9.00 -2.41
N PRO A 278 -14.62 -9.86 -2.57
CA PRO A 278 -14.83 -11.31 -2.40
C PRO A 278 -15.12 -11.66 -0.95
N ASP A 279 -15.95 -12.68 -0.74
CA ASP A 279 -16.17 -13.17 0.60
C ASP A 279 -14.83 -13.60 1.16
N THR A 280 -14.44 -13.01 2.29
CA THR A 280 -13.21 -13.39 2.96
C THR A 280 -13.59 -14.26 4.14
N PRO A 281 -13.46 -15.58 3.99
CA PRO A 281 -13.93 -16.49 5.05
C PRO A 281 -13.29 -16.18 6.41
N VAL A 282 -14.11 -16.19 7.45
CA VAL A 282 -13.62 -15.96 8.79
C VAL A 282 -12.53 -16.99 9.13
N SER A 283 -12.70 -18.21 8.65
CA SER A 283 -11.73 -19.27 8.93
C SER A 283 -10.38 -18.91 8.33
N PHE A 284 -10.40 -18.23 7.18
CA PHE A 284 -9.16 -17.74 6.57
C PHE A 284 -8.53 -16.69 7.47
N LYS A 285 -9.36 -15.74 7.91
CA LYS A 285 -8.88 -14.68 8.80
C LYS A 285 -8.31 -15.27 10.09
N ARG A 286 -8.97 -16.29 10.62
CA ARG A 286 -8.49 -16.96 11.83
C ARG A 286 -7.14 -17.63 11.57
N ALA A 287 -6.96 -18.19 10.38
CA ALA A 287 -5.69 -18.82 10.04
C ALA A 287 -4.58 -17.77 9.94
N LEU A 288 -4.87 -16.65 9.30
CA LEU A 288 -3.91 -15.56 9.21
C LEU A 288 -3.50 -15.10 10.61
N ARG A 289 -4.47 -15.03 11.51
CA ARG A 289 -4.22 -14.59 12.88
C ARG A 289 -3.24 -15.52 13.58
N GLU A 290 -3.27 -16.81 13.23
CA GLU A 290 -2.33 -17.76 13.82
C GLU A 290 -1.00 -17.78 13.07
N ALA A 291 -1.05 -17.63 11.75
CA ALA A 291 0.15 -17.66 10.93
C ALA A 291 1.04 -16.47 11.24
N TYR A 292 0.42 -15.32 11.44
CA TYR A 292 1.13 -14.08 11.69
C TYR A 292 0.73 -13.48 13.03
N GLN A 293 1.72 -13.28 13.89
CA GLN A 293 1.45 -12.96 15.29
C GLN A 293 1.78 -11.51 15.65
N GLY A 294 2.02 -10.69 14.64
CA GLY A 294 2.26 -9.28 14.87
C GLY A 294 0.96 -8.49 14.80
N VAL A 295 1.05 -7.22 14.44
CA VAL A 295 -0.15 -6.38 14.33
C VAL A 295 -0.83 -6.64 12.99
N LEU A 296 -2.10 -7.03 13.06
CA LEU A 296 -2.85 -7.41 11.87
C LEU A 296 -3.84 -6.31 11.50
N ILE A 297 -3.70 -5.80 10.28
CA ILE A 297 -4.53 -4.69 9.82
C ILE A 297 -5.37 -5.17 8.65
N TYR A 298 -6.65 -4.82 8.65
CA TYR A 298 -7.54 -5.10 7.53
C TYR A 298 -8.17 -3.82 7.01
N ALA A 299 -8.38 -3.74 5.71
CA ALA A 299 -9.12 -2.64 5.11
C ALA A 299 -10.01 -3.20 4.02
N GLY A 300 -11.18 -2.60 3.86
CA GLY A 300 -12.11 -3.03 2.83
C GLY A 300 -13.55 -2.99 3.31
N ARG A 301 -14.22 -1.90 2.94
CA ARG A 301 -15.63 -1.70 3.26
CA ARG A 301 -15.62 -1.66 3.27
CA ARG A 301 -15.62 -1.67 3.27
CA ARG A 301 -15.63 -1.71 3.26
C ARG A 301 -15.93 -1.80 4.76
N TYR A 302 -14.99 -1.37 5.60
CA TYR A 302 -15.28 -1.37 7.03
C TYR A 302 -16.03 -0.11 7.41
N ASN A 303 -16.98 -0.27 8.33
CA ASN A 303 -17.60 0.85 9.00
C ASN A 303 -17.28 0.71 10.48
N ALA A 304 -17.85 1.57 11.32
CA ALA A 304 -17.53 1.54 12.74
C ALA A 304 -17.89 0.20 13.36
N GLU A 305 -19.07 -0.31 13.02
CA GLU A 305 -19.57 -1.55 13.60
C GLU A 305 -18.71 -2.75 13.20
N LYS A 306 -18.44 -2.88 11.90
CA LYS A 306 -17.66 -4.01 11.40
C LYS A 306 -16.22 -3.96 11.88
N ALA A 307 -15.68 -2.75 12.00
CA ALA A 307 -14.32 -2.56 12.48
C ALA A 307 -14.22 -3.03 13.92
N GLU A 308 -15.13 -2.55 14.75
CA GLU A 308 -15.14 -2.90 16.17
C GLU A 308 -15.29 -4.41 16.34
N GLN A 309 -16.16 -5.02 15.54
CA GLN A 309 -16.44 -6.45 15.68
C GLN A 309 -15.23 -7.29 15.27
N ALA A 310 -14.53 -6.84 14.22
CA ALA A 310 -13.35 -7.54 13.76
C ALA A 310 -12.30 -7.55 14.86
N ILE A 311 -12.17 -6.44 15.56
CA ILE A 311 -11.21 -6.35 16.65
C ILE A 311 -11.64 -7.21 17.83
N ASN A 312 -12.90 -7.10 18.21
CA ASN A 312 -13.40 -7.84 19.37
C ASN A 312 -13.49 -9.34 19.11
N ASP A 313 -13.62 -9.72 17.84
CA ASP A 313 -13.63 -11.13 17.47
C ASP A 313 -12.21 -11.71 17.49
N GLY A 314 -11.21 -10.85 17.63
CA GLY A 314 -9.82 -11.29 17.68
C GLY A 314 -9.21 -11.49 16.30
N LEU A 315 -9.88 -10.96 15.27
CA LEU A 315 -9.41 -11.13 13.91
C LEU A 315 -8.45 -10.04 13.49
N ALA A 316 -8.70 -8.81 13.94
CA ALA A 316 -7.90 -7.66 13.54
C ALA A 316 -7.41 -6.89 14.75
N ASP A 317 -6.28 -6.22 14.60
CA ASP A 317 -5.78 -5.32 15.64
C ASP A 317 -6.07 -3.89 15.26
N MET A 318 -5.99 -3.61 13.96
CA MET A 318 -6.30 -2.29 13.44
C MET A 318 -7.10 -2.43 12.16
N ILE A 319 -7.86 -1.38 11.83
CA ILE A 319 -8.72 -1.38 10.67
C ILE A 319 -8.46 -0.14 9.85
N GLY A 320 -8.27 -0.32 8.56
CA GLY A 320 -8.11 0.80 7.66
C GLY A 320 -9.42 1.20 7.02
N PHE A 321 -9.58 2.51 6.83
CA PHE A 321 -10.73 3.06 6.14
C PHE A 321 -10.17 3.92 5.02
N GLY A 322 -10.36 3.48 3.78
CA GLY A 322 -9.77 4.17 2.66
C GLY A 322 -10.66 5.29 2.16
N ARG A 323 -11.68 4.92 1.41
CA ARG A 323 -12.54 5.91 0.77
C ARG A 323 -13.17 6.87 1.78
N PRO A 324 -13.61 6.37 2.94
CA PRO A 324 -14.15 7.34 3.90
C PRO A 324 -13.11 8.35 4.38
N PHE A 325 -11.83 7.98 4.40
CA PHE A 325 -10.81 8.93 4.86
C PHE A 325 -10.56 10.02 3.83
N ILE A 326 -10.86 9.72 2.57
CA ILE A 326 -10.73 10.70 1.52
C ILE A 326 -11.64 11.89 1.79
N ALA A 327 -12.90 11.59 2.08
CA ALA A 327 -13.93 12.62 2.21
C ALA A 327 -14.14 13.10 3.64
N ASN A 328 -13.52 12.43 4.60
CA ASN A 328 -13.69 12.79 6.01
C ASN A 328 -12.35 12.87 6.70
N PRO A 329 -11.74 14.07 6.71
CA PRO A 329 -10.42 14.23 7.33
C PRO A 329 -10.48 13.88 8.79
N ASP A 330 -11.63 14.12 9.42
CA ASP A 330 -11.85 13.78 10.82
C ASP A 330 -12.63 12.49 10.95
N LEU A 331 -12.31 11.50 10.12
CA LEU A 331 -13.06 10.25 10.12
C LEU A 331 -13.16 9.64 11.53
N PRO A 332 -12.03 9.57 12.25
CA PRO A 332 -12.13 8.95 13.58
C PRO A 332 -13.21 9.60 14.45
N GLU A 333 -13.22 10.93 14.50
CA GLU A 333 -14.20 11.65 15.30
C GLU A 333 -15.62 11.30 14.85
N ARG A 334 -15.84 11.22 13.54
CA ARG A 334 -17.16 10.86 13.03
C ARG A 334 -17.53 9.43 13.41
N LEU A 335 -16.58 8.51 13.30
CA LEU A 335 -16.83 7.12 13.63
C LEU A 335 -17.20 7.00 15.10
N ARG A 336 -16.49 7.75 15.95
CA ARG A 336 -16.70 7.65 17.39
C ARG A 336 -18.07 8.18 17.80
N HIS A 337 -18.50 9.25 17.14
CA HIS A 337 -19.76 9.93 17.49
C HIS A 337 -20.94 9.46 16.64
N GLY A 338 -20.65 8.72 15.58
CA GLY A 338 -21.69 8.33 14.64
C GLY A 338 -22.18 9.54 13.86
N TYR A 339 -21.26 10.48 13.60
CA TYR A 339 -21.58 11.60 12.73
C TYR A 339 -21.66 11.08 11.29
N PRO A 340 -22.52 11.68 10.48
CA PRO A 340 -22.64 11.21 9.09
C PRO A 340 -21.34 11.42 8.32
N LEU A 341 -21.02 10.46 7.47
CA LEU A 341 -19.82 10.53 6.67
C LEU A 341 -20.12 11.17 5.34
N ALA A 342 -19.30 12.14 4.96
CA ALA A 342 -19.34 12.69 3.62
C ALA A 342 -18.90 11.59 2.69
N GLU A 343 -19.28 11.67 1.42
CA GLU A 343 -18.82 10.74 0.42
CA GLU A 343 -18.82 10.74 0.42
C GLU A 343 -17.86 11.45 -0.52
N HIS A 344 -16.86 10.72 -1.00
CA HIS A 344 -15.86 11.31 -1.86
C HIS A 344 -16.37 11.41 -3.29
N VAL A 345 -15.76 12.33 -4.03
CA VAL A 345 -16.06 12.54 -5.43
C VAL A 345 -15.04 11.78 -6.27
N PRO A 346 -15.47 10.69 -6.94
CA PRO A 346 -14.53 9.92 -7.75
C PRO A 346 -13.73 10.76 -8.73
N ALA A 347 -14.37 11.80 -9.28
CA ALA A 347 -13.75 12.62 -10.31
C ALA A 347 -12.48 13.35 -9.84
N THR A 348 -12.32 13.52 -8.54
CA THR A 348 -11.16 14.23 -8.00
C THR A 348 -10.26 13.33 -7.16
N LEU A 349 -10.42 12.02 -7.31
CA LEU A 349 -9.55 11.06 -6.65
C LEU A 349 -8.11 11.24 -7.11
N PHE A 350 -7.91 11.37 -8.42
CA PHE A 350 -6.57 11.38 -8.99
C PHE A 350 -6.31 12.65 -9.78
N GLY A 351 -5.14 13.23 -9.58
CA GLY A 351 -4.73 14.39 -10.33
C GLY A 351 -5.37 15.66 -9.83
N GLY A 352 -5.10 16.76 -10.52
CA GLY A 352 -5.65 18.03 -10.13
C GLY A 352 -4.89 18.62 -8.96
N GLY A 353 -5.58 19.42 -8.17
CA GLY A 353 -4.95 20.13 -7.08
C GLY A 353 -5.65 19.90 -5.76
N GLU A 354 -5.78 20.97 -4.99
CA GLU A 354 -6.33 20.88 -3.63
C GLU A 354 -7.82 20.51 -3.63
N LYS A 355 -8.52 20.84 -4.71
CA LYS A 355 -9.93 20.52 -4.81
C LYS A 355 -10.13 19.01 -4.83
N GLY A 356 -10.93 18.51 -3.90
CA GLY A 356 -11.16 17.09 -3.79
C GLY A 356 -10.03 16.42 -3.03
N LEU A 357 -9.14 17.21 -2.44
CA LEU A 357 -8.03 16.68 -1.68
C LEU A 357 -8.02 17.25 -0.26
N THR A 358 -7.88 18.57 -0.15
CA THR A 358 -7.73 19.22 1.15
C THR A 358 -8.94 20.07 1.54
N ASP A 359 -9.96 20.10 0.69
CA ASP A 359 -11.11 20.94 0.95
C ASP A 359 -12.38 20.16 1.33
N TYR A 360 -12.21 18.90 1.73
CA TYR A 360 -13.28 18.21 2.42
C TYR A 360 -13.28 18.72 3.85
N PRO A 361 -14.38 19.35 4.29
CA PRO A 361 -14.35 19.94 5.62
C PRO A 361 -14.48 18.91 6.74
N THR A 362 -14.04 19.29 7.92
CA THR A 362 -14.32 18.52 9.12
C THR A 362 -15.81 18.64 9.40
N TYR A 363 -16.34 17.77 10.25
CA TYR A 363 -17.76 17.75 10.51
C TYR A 363 -18.21 19.01 11.26
N GLN A 364 -19.32 19.57 10.81
CA GLN A 364 -19.87 20.74 11.46
C GLN A 364 -21.37 20.59 11.48
N ALA A 365 -21.94 20.45 12.69
CA ALA A 365 -23.38 20.30 12.83
C ALA A 365 -24.08 21.55 12.30
N1 FMN B . -4.05 0.46 -1.86
C2 FMN B . -2.69 0.35 -1.86
O2 FMN B . -2.17 -0.65 -1.36
N3 FMN B . -1.89 1.35 -2.39
C4 FMN B . -2.48 2.44 -3.01
O4 FMN B . -1.78 3.40 -3.34
C4A FMN B . -3.86 2.55 -3.01
N5 FMN B . -4.46 3.63 -3.59
C5A FMN B . -5.83 3.74 -3.60
C6 FMN B . -6.40 4.87 -4.15
C7 FMN B . -7.78 5.05 -4.11
C7M FMN B . -8.37 6.28 -4.72
C8 FMN B . -8.59 4.04 -3.57
C8M FMN B . -10.07 4.22 -3.48
C9 FMN B . -8.00 2.91 -3.00
C9A FMN B . -6.61 2.78 -2.99
N10 FMN B . -6.02 1.66 -2.44
C10 FMN B . -4.64 1.55 -2.45
C1' FMN B . -6.82 0.63 -1.70
C2' FMN B . -7.19 1.22 -0.35
O2' FMN B . -6.01 1.39 0.41
C3' FMN B . -8.17 0.34 0.44
O3' FMN B . -7.55 -0.88 0.76
C4' FMN B . -9.44 0.10 -0.36
O4' FMN B . -9.96 1.34 -0.83
C5' FMN B . -10.53 -0.60 0.44
O5' FMN B . -10.83 0.11 1.62
P FMN B . -12.15 1.03 1.73
O1P FMN B . -11.98 2.19 0.78
O2P FMN B . -13.37 0.23 1.34
O3P FMN B . -12.28 1.50 3.15
S SO4 C . -17.24 3.94 -4.11
O1 SO4 C . -18.08 2.85 -4.59
O2 SO4 C . -17.26 3.97 -2.65
O3 SO4 C . -15.87 3.76 -4.59
O4 SO4 C . -17.75 5.22 -4.60
CL9 4CH D . -5.55 3.80 -7.39
C4 4CH D . -4.80 2.44 -6.65
C5 4CH D . -3.43 2.36 -6.63
C6 4CH D . -2.80 1.29 -6.02
C1 4CH D . -3.57 0.28 -5.44
O7 4CH D . -2.93 -0.76 -4.84
C2 4CH D . -4.95 0.36 -5.46
C3 4CH D . -5.57 1.44 -6.07
CL9 4CH E . -7.52 9.46 -13.65
C4 4CH E . -5.90 9.17 -13.11
C5 4CH E . -4.92 10.14 -13.31
C6 4CH E . -3.64 9.92 -12.85
C1 4CH E . -3.33 8.73 -12.20
O7 4CH E . -2.06 8.52 -11.72
C2 4CH E . -4.31 7.77 -12.00
C3 4CH E . -5.60 7.99 -12.45
CL9 4CH F . 11.16 20.22 8.61
C4 4CH F . 12.55 19.20 8.61
C5 4CH F . 13.41 19.19 7.52
C6 4CH F . 14.52 18.36 7.52
C1 4CH F . 14.78 17.55 8.62
O7 4CH F . 15.88 16.73 8.64
C2 4CH F . 13.91 17.57 9.71
C3 4CH F . 12.80 18.39 9.70
O1 PE4 G . -6.40 18.55 16.59
C1 PE4 G . -5.42 18.35 15.63
C2 PE4 G . -4.97 19.68 15.10
O2 PE4 G . -4.58 20.51 16.12
C3 PE4 G . -3.63 21.47 15.84
C4 PE4 G . -2.29 20.84 15.82
O3 PE4 G . -1.36 21.73 15.33
C5 PE4 G . -0.02 21.50 15.58
C6 PE4 G . 0.79 22.24 14.58
O4 PE4 G . 0.63 21.70 13.33
C7 PE4 G . 1.48 22.12 12.33
C8 PE4 G . 0.68 22.54 11.14
O5 PE4 G . 0.37 21.46 10.35
C9 PE4 G . 0.47 21.61 8.98
C10 PE4 G . -0.68 20.94 8.30
O6 PE4 G . -1.83 21.08 9.03
C11 PE4 G . -2.98 21.55 8.43
C12 PE4 G . -4.12 20.65 8.76
O7 PE4 G . -4.52 20.82 10.07
C13 PE4 G . -5.54 20.03 10.58
C14 PE4 G . -5.46 19.99 12.06
O8 PE4 G . -6.66 19.63 12.61
C15 PE4 G . -7.56 20.59 13.02
C16 PE4 G . -8.41 20.04 14.12
#